data_5U4U
#
_entry.id   5U4U
#
_cell.length_a   62.937
_cell.length_b   62.937
_cell.length_c   161.017
_cell.angle_alpha   90.000
_cell.angle_beta   90.000
_cell.angle_gamma   120.000
#
_symmetry.space_group_name_H-M   'P 65 2 2'
#
loop_
_entity.id
_entity.type
_entity.pdbx_description
1 polymer 'MGC81300 protein'
2 non-polymer 'MALONATE ION'
3 non-polymer 'SODIUM ION'
4 water water
#
_entity_poly.entity_id   1
_entity_poly.type   'polypeptide(L)'
_entity_poly.pdbx_seq_one_letter_code
;GSDPNVDRINLVILGRDGLARELANEIRALCTNDDKYVIDGKMYELSLRPIEGNVRLPVNSFQTSTFQPHGCLCLYNSKE
SLSYVVESIEKSRESSLGRKENHLINLPLTLILVNRRGDTSSETAHSLIQHGQQVASKLQCVFLDAASTGLGYGRNINEK
QISLILRGLLESKRNLNL
;
_entity_poly.pdbx_strand_id   A
#
loop_
_chem_comp.id
_chem_comp.type
_chem_comp.name
_chem_comp.formula
MLI non-polymer 'MALONATE ION' 'C3 H2 O4 -2'
NA non-polymer 'SODIUM ION' 'Na 1'
#
# COMPACT_ATOMS: atom_id res chain seq x y z
N GLY A 1 -18.43 -3.99 10.64
CA GLY A 1 -17.99 -2.63 10.95
C GLY A 1 -16.75 -2.62 11.83
N SER A 2 -16.14 -1.44 11.98
CA SER A 2 -14.95 -1.30 12.80
C SER A 2 -15.27 -1.27 14.29
N ASP A 3 -14.56 -2.07 15.06
CA ASP A 3 -14.63 -2.02 16.53
C ASP A 3 -14.25 -0.61 17.02
N PRO A 4 -15.16 0.06 17.73
CA PRO A 4 -14.73 1.41 18.16
C PRO A 4 -13.61 1.37 19.19
N ASN A 5 -13.36 0.22 19.81
CA ASN A 5 -12.28 0.11 20.79
C ASN A 5 -10.93 -0.33 20.23
N VAL A 6 -10.88 -0.61 18.93
CA VAL A 6 -9.64 -1.03 18.25
C VAL A 6 -9.46 -0.23 16.96
N ASP A 7 -8.30 0.41 16.81
CA ASP A 7 -8.06 1.25 15.64
C ASP A 7 -7.97 0.42 14.36
N ARG A 8 -8.56 0.95 13.29
CA ARG A 8 -8.59 0.26 12.01
C ARG A 8 -7.65 0.91 11.00
N ILE A 9 -6.92 0.09 10.26
CA ILE A 9 -6.17 0.57 9.10
C ILE A 9 -6.73 -0.08 7.86
N ASN A 10 -7.22 0.74 6.93
CA ASN A 10 -7.69 0.30 5.61
C ASN A 10 -6.59 0.51 4.58
N LEU A 11 -5.93 -0.56 4.16
CA LEU A 11 -4.73 -0.39 3.33
C LEU A 11 -4.95 -0.94 1.93
N VAL A 12 -4.85 -0.08 0.92
CA VAL A 12 -4.80 -0.54 -0.45
C VAL A 12 -3.38 -1.03 -0.73
N ILE A 13 -3.29 -2.15 -1.43
CA ILE A 13 -1.99 -2.62 -1.89
C ILE A 13 -2.05 -2.68 -3.40
N LEU A 14 -1.24 -1.86 -4.05
CA LEU A 14 -1.28 -1.70 -5.50
C LEU A 14 -0.01 -2.25 -6.13
N GLY A 15 -0.15 -3.26 -6.99
CA GLY A 15 1.01 -3.87 -7.65
C GLY A 15 0.63 -4.96 -8.63
N ARG A 16 1.05 -4.83 -9.89
CA ARG A 16 0.61 -5.80 -10.89
C ARG A 16 1.51 -7.03 -10.87
N ASP A 17 1.19 -7.98 -11.74
CA ASP A 17 1.96 -9.23 -11.89
C ASP A 17 2.14 -9.98 -10.57
N GLY A 18 1.12 -9.97 -9.72
CA GLY A 18 1.14 -10.74 -8.49
C GLY A 18 1.81 -10.07 -7.32
N LEU A 19 2.31 -8.85 -7.51
CA LEU A 19 2.99 -8.12 -6.44
C LEU A 19 2.07 -7.84 -5.25
N ALA A 20 0.86 -7.38 -5.56
CA ALA A 20 -0.09 -7.03 -4.50
C ALA A 20 -0.55 -8.26 -3.72
N ARG A 21 -0.84 -9.34 -4.44
CA ARG A 21 -1.23 -10.58 -3.78
C ARG A 21 -0.12 -11.12 -2.89
N GLU A 22 1.11 -11.08 -3.38
CA GLU A 22 2.24 -11.58 -2.61
C GLU A 22 2.47 -10.81 -1.30
N LEU A 23 2.43 -9.47 -1.36
CA LEU A 23 2.59 -8.68 -0.14
C LEU A 23 1.36 -8.85 0.78
N ALA A 24 0.17 -8.94 0.21
CA ALA A 24 -1.01 -9.17 1.04
C ALA A 24 -0.89 -10.52 1.77
N ASN A 25 -0.44 -11.55 1.07
CA ASN A 25 -0.23 -12.87 1.68
C ASN A 25 0.80 -12.80 2.82
N GLU A 26 1.90 -12.09 2.60
CA GLU A 26 2.90 -11.89 3.65
C GLU A 26 2.31 -11.19 4.86
N ILE A 27 1.58 -10.10 4.63
CA ILE A 27 0.98 -9.36 5.73
C ILE A 27 -0.03 -10.22 6.51
N ARG A 28 -0.84 -11.02 5.81
CA ARG A 28 -1.79 -11.90 6.48
C ARG A 28 -1.11 -13.00 7.28
N ALA A 29 0.07 -13.44 6.84
CA ALA A 29 0.84 -14.40 7.63
C ALA A 29 1.26 -13.79 8.98
N LEU A 30 1.29 -12.46 9.05
CA LEU A 30 1.64 -11.77 10.28
C LEU A 30 0.42 -11.41 11.14
N CYS A 31 -0.78 -11.66 10.62
CA CYS A 31 -2.02 -11.31 11.31
C CYS A 31 -2.61 -12.45 12.12
N THR A 32 -3.40 -12.09 13.13
CA THR A 32 -4.25 -13.08 13.81
C THR A 32 -5.34 -13.59 12.87
N ASN A 33 -6.06 -14.61 13.31
CA ASN A 33 -7.14 -15.18 12.50
C ASN A 33 -8.29 -14.21 12.24
N ASP A 34 -8.50 -13.25 13.15
CA ASP A 34 -9.50 -12.21 12.88
C ASP A 34 -8.87 -10.92 12.31
N ASP A 35 -7.77 -11.08 11.57
CA ASP A 35 -7.14 -9.97 10.83
C ASP A 35 -6.66 -8.80 11.69
N LYS A 36 -6.22 -9.09 12.92
CA LYS A 36 -5.56 -8.07 13.73
C LYS A 36 -4.06 -8.13 13.49
N TYR A 37 -3.42 -6.97 13.52
CA TYR A 37 -1.98 -6.85 13.38
C TYR A 37 -1.47 -6.15 14.64
N VAL A 38 -0.49 -6.74 15.31
CA VAL A 38 0.00 -6.19 16.56
C VAL A 38 1.18 -5.26 16.32
N ILE A 39 1.14 -4.08 16.92
CA ILE A 39 2.21 -3.09 16.82
C ILE A 39 2.43 -2.49 18.19
N ASP A 40 3.67 -2.55 18.69
CA ASP A 40 3.98 -1.98 20.00
C ASP A 40 3.09 -2.58 21.08
N GLY A 41 2.76 -3.87 20.92
CA GLY A 41 1.93 -4.57 21.89
C GLY A 41 0.46 -4.19 21.80
N LYS A 42 0.08 -3.49 20.74
CA LYS A 42 -1.29 -3.02 20.59
C LYS A 42 -1.96 -3.64 19.35
N MET A 43 -3.22 -4.05 19.49
CA MET A 43 -3.94 -4.68 18.39
C MET A 43 -4.51 -3.63 17.45
N TYR A 44 -4.32 -3.82 16.15
CA TYR A 44 -4.98 -3.01 15.14
C TYR A 44 -5.78 -3.87 14.18
N GLU A 45 -6.95 -3.43 13.78
CA GLU A 45 -7.70 -4.12 12.72
C GLU A 45 -7.09 -3.74 11.40
N LEU A 46 -6.72 -4.72 10.60
CA LEU A 46 -6.09 -4.43 9.32
C LEU A 46 -6.90 -4.97 8.15
N SER A 47 -7.51 -4.07 7.39
N SER A 47 -7.49 -4.07 7.38
CA SER A 47 -8.25 -4.45 6.20
CA SER A 47 -8.24 -4.46 6.20
C SER A 47 -7.36 -4.23 4.98
C SER A 47 -7.38 -4.22 4.95
N LEU A 48 -7.23 -5.26 4.13
CA LEU A 48 -6.36 -5.17 2.95
C LEU A 48 -7.15 -5.23 1.66
N ARG A 49 -6.77 -4.40 0.70
CA ARG A 49 -7.42 -4.40 -0.60
C ARG A 49 -6.33 -4.44 -1.66
N PRO A 50 -5.86 -5.65 -2.00
CA PRO A 50 -4.84 -5.81 -3.03
C PRO A 50 -5.44 -5.57 -4.42
N ILE A 51 -4.78 -4.78 -5.23
CA ILE A 51 -5.26 -4.45 -6.57
C ILE A 51 -4.14 -4.67 -7.61
N GLU A 52 -4.46 -5.40 -8.68
CA GLU A 52 -3.45 -5.74 -9.69
C GLU A 52 -3.88 -5.35 -11.10
N GLY A 53 -5.17 -5.08 -11.28
CA GLY A 53 -5.73 -4.83 -12.60
C GLY A 53 -6.21 -3.41 -12.78
N ASN A 54 -6.98 -3.19 -13.84
CA ASN A 54 -7.43 -1.85 -14.21
C ASN A 54 -8.34 -1.23 -13.13
N VAL A 55 -7.88 -0.13 -12.54
N VAL A 55 -7.89 -0.13 -12.52
CA VAL A 55 -8.60 0.54 -11.45
CA VAL A 55 -8.67 0.48 -11.45
C VAL A 55 -9.92 1.17 -11.90
C VAL A 55 -9.88 1.27 -11.97
N ARG A 56 -10.10 1.36 -13.20
N ARG A 56 -10.05 1.33 -13.29
CA ARG A 56 -11.34 1.95 -13.70
CA ARG A 56 -11.27 1.85 -13.87
C ARG A 56 -12.50 0.94 -13.67
C ARG A 56 -12.45 0.97 -13.47
N LEU A 57 -12.20 -0.34 -13.44
CA LEU A 57 -13.24 -1.32 -13.20
C LEU A 57 -13.70 -1.21 -11.75
N PRO A 58 -15.02 -1.23 -11.53
CA PRO A 58 -15.63 -1.18 -10.20
C PRO A 58 -15.00 -2.16 -9.22
N VAL A 59 -14.79 -3.40 -9.67
CA VAL A 59 -14.23 -4.42 -8.80
C VAL A 59 -12.81 -4.06 -8.33
N ASN A 60 -12.16 -3.14 -9.04
CA ASN A 60 -10.79 -2.74 -8.70
C ASN A 60 -10.68 -1.32 -8.14
N SER A 61 -11.80 -0.70 -7.77
CA SER A 61 -11.75 0.67 -7.27
C SER A 61 -11.08 0.73 -5.90
N PHE A 62 -10.42 1.84 -5.59
N PHE A 62 -10.42 1.85 -5.61
CA PHE A 62 -9.74 2.01 -4.32
CA PHE A 62 -9.73 2.06 -4.34
C PHE A 62 -10.74 2.04 -3.17
C PHE A 62 -10.72 2.07 -3.18
N GLN A 63 -11.88 2.66 -3.42
CA GLN A 63 -12.88 2.83 -2.39
C GLN A 63 -14.16 2.08 -2.76
N THR A 64 -14.69 1.33 -1.79
CA THR A 64 -15.97 0.66 -1.97
C THR A 64 -16.90 1.12 -0.86
N SER A 65 -18.13 0.61 -0.86
CA SER A 65 -19.14 1.00 0.12
C SER A 65 -18.77 0.65 1.56
N THR A 66 -17.92 -0.36 1.73
CA THR A 66 -17.51 -0.78 3.08
C THR A 66 -16.02 -0.55 3.33
N PHE A 67 -15.34 0.09 2.40
CA PHE A 67 -13.89 0.27 2.50
C PHE A 67 -13.48 1.68 2.11
N GLN A 68 -13.10 2.48 3.10
CA GLN A 68 -12.55 3.81 2.87
C GLN A 68 -11.05 3.76 3.14
N PRO A 69 -10.25 3.88 2.07
CA PRO A 69 -8.79 3.68 2.17
C PRO A 69 -8.11 4.71 3.07
N HIS A 70 -7.11 4.28 3.84
CA HIS A 70 -6.35 5.17 4.69
C HIS A 70 -4.94 5.39 4.16
N GLY A 71 -4.52 4.53 3.26
CA GLY A 71 -3.22 4.69 2.64
C GLY A 71 -3.09 3.70 1.52
N CYS A 72 -2.05 3.86 0.72
CA CYS A 72 -1.83 2.95 -0.39
C CYS A 72 -0.38 2.58 -0.47
N LEU A 73 -0.14 1.29 -0.44
CA LEU A 73 1.20 0.74 -0.62
C LEU A 73 1.41 0.36 -2.10
N CYS A 74 2.26 1.12 -2.80
CA CYS A 74 2.49 0.93 -4.23
C CYS A 74 3.78 0.17 -4.49
N LEU A 75 3.68 -0.95 -5.19
CA LEU A 75 4.82 -1.83 -5.39
C LEU A 75 5.25 -1.88 -6.85
N TYR A 76 6.56 -1.94 -7.11
CA TYR A 76 7.01 -2.18 -8.48
C TYR A 76 8.39 -2.84 -8.48
N ASN A 77 8.75 -3.46 -9.61
CA ASN A 77 10.07 -4.05 -9.77
C ASN A 77 10.47 -4.09 -11.24
N SER A 78 9.79 -3.26 -12.03
CA SER A 78 10.05 -3.22 -13.45
C SER A 78 9.45 -1.97 -14.05
N LYS A 79 9.80 -1.69 -15.30
CA LYS A 79 9.24 -0.56 -16.04
C LYS A 79 7.71 -0.63 -16.10
N GLU A 80 7.20 -1.80 -16.48
CA GLU A 80 5.77 -2.02 -16.62
C GLU A 80 5.02 -1.90 -15.29
N SER A 81 5.58 -2.43 -14.22
CA SER A 81 4.89 -2.35 -12.94
C SER A 81 4.94 -0.92 -12.37
N LEU A 82 6.01 -0.17 -12.64
CA LEU A 82 6.03 1.25 -12.26
C LEU A 82 4.96 2.03 -13.02
N SER A 83 4.86 1.75 -14.31
N SER A 83 4.86 1.78 -14.32
CA SER A 83 3.87 2.38 -15.18
CA SER A 83 3.85 2.41 -15.15
C SER A 83 2.45 2.10 -14.70
C SER A 83 2.45 2.13 -14.64
N TYR A 84 2.21 0.89 -14.19
CA TYR A 84 0.90 0.53 -13.66
C TYR A 84 0.55 1.38 -12.44
N VAL A 85 1.53 1.61 -11.58
CA VAL A 85 1.32 2.44 -10.40
C VAL A 85 0.92 3.86 -10.79
N VAL A 86 1.69 4.49 -11.69
CA VAL A 86 1.38 5.86 -12.11
C VAL A 86 0.01 5.97 -12.75
N GLU A 87 -0.26 5.07 -13.69
CA GLU A 87 -1.56 5.01 -14.35
C GLU A 87 -2.68 4.91 -13.32
N SER A 88 -2.50 4.00 -12.36
CA SER A 88 -3.56 3.72 -11.41
C SER A 88 -3.82 4.89 -10.46
N ILE A 89 -2.77 5.50 -9.95
CA ILE A 89 -2.90 6.65 -9.06
C ILE A 89 -3.48 7.87 -9.77
N GLU A 90 -2.89 8.25 -10.90
CA GLU A 90 -3.32 9.47 -11.61
C GLU A 90 -4.75 9.34 -12.14
N LYS A 91 -5.14 8.12 -12.45
CA LYS A 91 -6.45 7.88 -13.01
C LYS A 91 -7.52 7.89 -11.91
N SER A 92 -7.25 7.22 -10.79
CA SER A 92 -8.18 7.20 -9.68
C SER A 92 -8.17 8.53 -8.90
N ARG A 93 -7.29 9.44 -9.29
CA ARG A 93 -7.32 10.79 -8.76
C ARG A 93 -8.26 11.66 -9.59
N LEU A 104 -8.31 10.36 -2.21
CA LEU A 104 -7.35 9.54 -2.94
C LEU A 104 -6.14 10.36 -3.36
N ILE A 105 -6.27 11.67 -3.21
CA ILE A 105 -5.20 12.58 -3.62
C ILE A 105 -4.36 13.01 -2.41
N ASN A 106 -4.98 13.12 -1.24
CA ASN A 106 -4.24 13.39 -0.01
C ASN A 106 -3.97 12.09 0.73
N LEU A 107 -4.43 10.99 0.13
CA LEU A 107 -4.15 9.63 0.61
C LEU A 107 -2.64 9.43 0.78
N PRO A 108 -2.19 9.03 1.98
CA PRO A 108 -0.77 8.73 2.19
C PRO A 108 -0.31 7.57 1.30
N LEU A 109 0.69 7.81 0.46
CA LEU A 109 1.20 6.79 -0.44
C LEU A 109 2.62 6.40 -0.06
N THR A 110 2.95 5.16 -0.35
CA THR A 110 4.30 4.66 -0.15
C THR A 110 4.67 3.93 -1.41
N LEU A 111 5.79 4.32 -2.03
CA LEU A 111 6.23 3.66 -3.25
C LEU A 111 7.40 2.76 -2.92
N ILE A 112 7.27 1.47 -3.22
CA ILE A 112 8.32 0.54 -2.83
C ILE A 112 8.91 -0.24 -4.00
N LEU A 113 10.22 -0.14 -4.16
CA LEU A 113 10.93 -0.96 -5.12
C LEU A 113 11.22 -2.29 -4.45
N VAL A 114 10.74 -3.39 -5.04
CA VAL A 114 10.98 -4.71 -4.44
C VAL A 114 11.82 -5.55 -5.38
N ASN A 115 12.25 -6.71 -4.89
CA ASN A 115 13.04 -7.67 -5.67
C ASN A 115 12.28 -8.21 -6.88
N ARG A 116 13.02 -8.62 -7.91
CA ARG A 116 12.38 -9.17 -9.10
C ARG A 116 12.39 -10.70 -9.06
N THR A 124 19.47 -1.65 -15.59
CA THR A 124 18.06 -1.72 -15.22
C THR A 124 17.84 -1.27 -13.77
N ALA A 125 18.70 -1.72 -12.86
CA ALA A 125 18.57 -1.34 -11.46
C ALA A 125 18.69 0.18 -11.31
N HIS A 126 19.67 0.78 -11.98
CA HIS A 126 19.84 2.23 -11.95
C HIS A 126 18.58 2.96 -12.40
N SER A 127 18.07 2.60 -13.57
CA SER A 127 16.92 3.31 -14.13
C SER A 127 15.66 3.14 -13.28
N LEU A 128 15.44 1.96 -12.69
CA LEU A 128 14.30 1.73 -11.81
C LEU A 128 14.32 2.59 -10.56
N ILE A 129 15.52 2.80 -10.02
CA ILE A 129 15.68 3.65 -8.85
C ILE A 129 15.45 5.11 -9.23
N GLN A 130 16.09 5.53 -10.32
CA GLN A 130 15.96 6.91 -10.81
C GLN A 130 14.51 7.24 -11.12
N HIS A 131 13.85 6.39 -11.89
CA HIS A 131 12.46 6.66 -12.25
C HIS A 131 11.55 6.58 -11.02
N GLY A 132 11.82 5.64 -10.12
CA GLY A 132 11.04 5.52 -8.90
C GLY A 132 11.10 6.81 -8.08
N GLN A 133 12.29 7.38 -7.95
CA GLN A 133 12.44 8.64 -7.23
C GLN A 133 11.72 9.82 -7.88
N GLN A 134 11.72 9.89 -9.20
CA GLN A 134 10.98 10.95 -9.88
C GLN A 134 9.47 10.76 -9.73
N VAL A 135 9.01 9.53 -9.86
CA VAL A 135 7.58 9.22 -9.64
C VAL A 135 7.16 9.58 -8.22
N ALA A 136 7.99 9.20 -7.24
CA ALA A 136 7.67 9.53 -5.85
C ALA A 136 7.65 11.05 -5.64
N SER A 137 8.57 11.77 -6.29
CA SER A 137 8.56 13.22 -6.24
C SER A 137 7.27 13.75 -6.84
N LYS A 138 6.86 13.20 -7.97
CA LYS A 138 5.69 13.71 -8.66
C LYS A 138 4.42 13.39 -7.88
N LEU A 139 4.36 12.21 -7.28
CA LEU A 139 3.20 11.78 -6.52
C LEU A 139 3.24 12.28 -5.08
N GLN A 140 4.33 12.93 -4.73
CA GLN A 140 4.54 13.52 -3.41
C GLN A 140 4.47 12.48 -2.31
N CYS A 141 5.19 11.39 -2.50
CA CYS A 141 5.14 10.31 -1.55
C CYS A 141 6.53 9.76 -1.25
N VAL A 142 6.60 8.90 -0.23
CA VAL A 142 7.88 8.39 0.22
C VAL A 142 8.31 7.27 -0.72
N PHE A 143 9.60 7.19 -0.98
CA PHE A 143 10.17 6.14 -1.80
C PHE A 143 11.04 5.25 -0.94
N LEU A 144 10.79 3.95 -0.99
CA LEU A 144 11.56 2.98 -0.22
C LEU A 144 12.18 1.93 -1.13
N ASP A 145 13.47 1.71 -0.98
CA ASP A 145 14.19 0.66 -1.72
C ASP A 145 14.27 -0.60 -0.86
N ALA A 146 13.33 -1.53 -1.07
CA ALA A 146 13.30 -2.79 -0.33
C ALA A 146 13.92 -3.92 -1.13
N ALA A 147 14.45 -3.59 -2.31
CA ALA A 147 15.03 -4.61 -3.18
C ALA A 147 16.33 -5.14 -2.59
N SER A 148 17.20 -4.22 -2.18
CA SER A 148 18.43 -4.59 -1.48
C SER A 148 18.08 -5.29 -0.16
N THR A 149 17.14 -4.71 0.58
CA THR A 149 16.70 -5.25 1.85
C THR A 149 15.95 -6.58 1.69
N GLY A 154 12.22 -13.87 -1.87
CA GLY A 154 11.10 -13.52 -2.73
C GLY A 154 10.98 -12.03 -2.91
N ARG A 155 9.82 -11.57 -3.37
CA ARG A 155 9.58 -10.15 -3.57
C ARG A 155 8.98 -9.50 -2.31
N ASN A 156 9.24 -10.10 -1.15
CA ASN A 156 8.71 -9.62 0.12
C ASN A 156 9.34 -8.30 0.60
N ILE A 157 8.90 -7.87 1.77
CA ILE A 157 9.37 -6.64 2.42
C ILE A 157 9.56 -7.03 3.89
N ASN A 158 10.56 -6.51 4.59
CA ASN A 158 10.79 -6.94 5.97
C ASN A 158 9.61 -6.51 6.85
N GLU A 159 9.23 -7.34 7.82
CA GLU A 159 8.04 -7.08 8.63
C GLU A 159 8.19 -5.76 9.45
N LYS A 160 9.42 -5.43 9.83
CA LYS A 160 9.65 -4.17 10.54
C LYS A 160 9.33 -2.97 9.67
N GLN A 161 9.62 -3.08 8.37
CA GLN A 161 9.31 -1.99 7.45
C GLN A 161 7.81 -1.87 7.26
N ILE A 162 7.12 -3.02 7.16
CA ILE A 162 5.66 -3.02 7.16
C ILE A 162 5.10 -2.28 8.40
N SER A 163 5.61 -2.61 9.59
CA SER A 163 5.15 -1.93 10.82
C SER A 163 5.42 -0.44 10.81
N LEU A 164 6.57 -0.02 10.29
CA LEU A 164 6.86 1.41 10.21
C LEU A 164 5.82 2.13 9.32
N ILE A 165 5.54 1.56 8.16
CA ILE A 165 4.58 2.14 7.25
C ILE A 165 3.21 2.23 7.91
N LEU A 166 2.81 1.16 8.60
CA LEU A 166 1.50 1.17 9.27
C LEU A 166 1.44 2.20 10.40
N ARG A 167 2.51 2.31 11.20
N ARG A 167 2.52 2.30 11.19
CA ARG A 167 2.56 3.35 12.23
CA ARG A 167 2.61 3.34 12.23
C ARG A 167 2.37 4.74 11.61
C ARG A 167 2.41 4.73 11.62
N GLY A 168 3.06 4.97 10.49
CA GLY A 168 2.97 6.24 9.79
C GLY A 168 1.56 6.54 9.34
N LEU A 169 0.87 5.53 8.84
CA LEU A 169 -0.51 5.69 8.43
C LEU A 169 -1.45 6.11 9.56
N LEU A 170 -1.27 5.51 10.73
CA LEU A 170 -2.10 5.86 11.89
C LEU A 170 -1.97 7.32 12.27
N GLU A 171 -0.76 7.86 12.20
CA GLU A 171 -0.60 9.28 12.50
C GLU A 171 -1.23 10.13 11.40
N SER A 172 -1.00 9.76 10.14
CA SER A 172 -1.63 10.45 9.00
C SER A 172 -3.13 10.44 9.10
N LYS A 173 -3.66 9.30 9.51
CA LYS A 173 -5.11 9.13 9.64
C LYS A 173 -5.65 10.14 10.64
N ARG A 174 -4.88 10.41 11.70
N ARG A 174 -4.91 10.38 11.72
CA ARG A 174 -5.28 11.36 12.73
CA ARG A 174 -5.29 11.38 12.71
C ARG A 174 -5.11 12.81 12.28
C ARG A 174 -5.22 12.78 12.11
N ASN A 175 -4.14 13.07 11.41
CA ASN A 175 -3.91 14.43 10.90
C ASN A 175 -4.81 14.82 9.75
N LEU A 176 -5.19 13.84 8.93
CA LEU A 176 -5.96 14.15 7.73
C LEU A 176 -7.44 13.82 7.91
N ASN A 177 -7.79 13.32 9.11
CA ASN A 177 -9.17 12.98 9.47
C ASN A 177 -9.82 11.95 8.55
N LEU A 178 -9.03 10.97 8.11
CA LEU A 178 -9.52 9.95 7.19
C LEU A 178 -10.48 8.99 7.88
C1 MLI B . -6.50 -9.76 0.96
C2 MLI B . -7.77 -9.88 0.11
C3 MLI B . -6.76 -10.01 2.45
O6 MLI B . -7.80 -10.67 -0.87
O7 MLI B . -8.79 -9.19 0.39
O8 MLI B . -6.09 -10.88 3.04
O9 MLI B . -7.63 -9.33 3.10
C1 MLI C . -11.46 -4.59 1.51
C2 MLI C . -11.34 -5.79 0.58
C3 MLI C . -12.30 -4.94 2.73
O6 MLI C . -11.33 -6.96 1.06
O7 MLI C . -11.23 -5.61 -0.66
O8 MLI C . -11.78 -5.48 3.74
O9 MLI C . -13.54 -4.68 2.72
NA NA D . -9.38 -7.88 2.11
NA NA E . -9.60 -7.08 4.26
NA NA F . -12.08 1.14 15.13
#